data_3TYG
#
_entry.id   3TYG
#
_cell.length_a   50.791
_cell.length_b   73.512
_cell.length_c   241.447
_cell.angle_alpha   90.00
_cell.angle_beta   90.00
_cell.angle_gamma   90.00
#
_symmetry.space_group_name_H-M   'P 21 21 21'
#
loop_
_entity.id
_entity.type
_entity.pdbx_description
1 polymer 'Envelope glycoprotein gp160'
2 polymer 'PGT128 light chain, Ig lambda-2 chain C regions'
3 polymer 'PGT128 heavy chain, Ig gamma-1 chain C region'
4 branched alpha-D-mannopyranose-(1-2)-alpha-D-mannopyranose-(1-2)-alpha-D-mannopyranose-(1-3)-[alpha-D-mannopyranose-(1-2)-alpha-D-mannopyranose-(1-6)-[alpha-D-mannopyranose-(1-3)]alpha-D-mannopyranose-(1-6)]beta-D-mannopyranose-(1-4)-2-acetamido-2-deoxy-beta-D-glucopyranose-(1-4)-2-acetamido-2-deoxy-beta-D-glucopyranose
5 branched alpha-D-mannopyranose-(1-3)-[alpha-D-mannopyranose-(1-6)]alpha-D-mannopyranose-(1-6)-[alpha-D-mannopyranose-(1-3)]beta-D-mannopyranose-(1-4)-2-acetamido-2-deoxy-beta-D-glucopyranose-(1-4)-2-acetamido-2-deoxy-beta-D-glucopyranose
#
loop_
_entity_poly.entity_id
_entity_poly.type
_entity_poly.pdbx_seq_one_letter_code
_entity_poly.pdbx_strand_id
1 'polypeptide(L)'
;DTITLPCRPAPPPHCSSNITGLILTRDGGNSNNESEIFRPGGGDMRDIARCQIAGTVVSTQLLLNGSLAEEEVVIRSVNF
TDNAKSICVQLNTSVEINCTRPNNNTRPGEIIGDIRQAHCNISRAKWNNTLKQIASKLREQFGNNKTIIFKQSSGGDPEI
VTHSFNCGGEFFYCDSTQLFNSTWFNSTWSGTKHHHHHH
;
A
2 'polypeptide(L)'
;(PCA)SALTQPPSASGSPGQSITISCTGTSNNFVSWYQQHAGKAPKLVIYDVNKRPSGVPDRFSGSKSGNTASLTVSGLQ
TDDEAVYYCGSLVGNWDVIFGGGTKLTVLGQPKAAPSVTLFPPSSEELQANKATLVCLISDFYPGAVTVAWKADSSPVKA
GVETTTPSKQSNNKYAASSYLSLTPEQWKSHRSYSCQVTHEGSTVEKTVAPTECS
;
L
3 'polypeptide(L)'
;(PCA)PQLQESGPTLVEASETLSLTCAVSGDSTAACNSFWGWVRQPPGKGLEWVGSLSHCASYWNRGWTYHNPSLKSRLT
LALDTPKNLVFLKLNSVTAADTATYYCARFGGEVLRYTDWPKPAWVDLWGRGTLVTVSSASTKGPSVFPLAPSSKSTSGG
TAALGCLVKDYFPEPVTVSWNSGALTSGVHTFPAVLQSSGLYSLSSVVTVPSSSLGTQTYICNVNHKPSNTKVDKRVEPK
SCD
;
H
#
# COMPACT_ATOMS: atom_id res chain seq x y z
N ASP A 1 -8.04 -4.19 33.15
CA ASP A 1 -7.25 -3.74 34.29
C ASP A 1 -8.03 -2.79 35.18
N THR A 2 -8.70 -1.81 34.57
CA THR A 2 -9.50 -0.78 35.26
C THR A 2 -10.94 -0.81 34.76
N ILE A 3 -11.87 -0.24 35.54
CA ILE A 3 -13.28 -0.16 35.14
C ILE A 3 -13.62 1.18 34.51
N THR A 4 -14.58 1.16 33.58
CA THR A 4 -15.03 2.34 32.87
C THR A 4 -16.56 2.43 32.85
N LEU A 5 -17.13 3.30 33.71
CA LEU A 5 -18.57 3.51 33.78
C LEU A 5 -19.04 4.46 32.69
N PRO A 6 -20.13 4.12 31.96
CA PRO A 6 -20.56 4.98 30.87
C PRO A 6 -21.28 6.25 31.33
N CYS A 7 -20.89 7.39 30.74
CA CYS A 7 -21.51 8.67 31.04
C CYS A 7 -22.14 9.31 29.81
N ARG A 8 -23.00 10.31 30.00
CA ARG A 8 -23.68 10.95 28.87
C ARG A 8 -23.19 12.33 28.41
N PRO A 9 -23.03 13.35 29.29
CA PRO A 9 -22.69 14.67 28.76
C PRO A 9 -21.26 15.15 29.04
N ALA A 10 -21.13 16.48 29.12
CA ALA A 10 -19.93 17.28 29.35
C ALA A 10 -20.38 18.40 30.34
N PRO A 11 -19.72 19.59 30.49
CA PRO A 11 -18.56 20.13 29.76
C PRO A 11 -17.12 19.99 30.30
N PRO A 12 -16.78 19.41 31.49
CA PRO A 12 -15.37 19.40 31.89
C PRO A 12 -14.53 18.21 31.40
N PRO A 13 -13.46 18.45 30.60
CA PRO A 13 -12.61 17.33 30.17
C PRO A 13 -11.47 17.08 31.17
N HIS A 14 -11.77 17.21 32.49
CA HIS A 14 -10.78 17.02 33.55
C HIS A 14 -11.28 16.27 34.80
N CYS A 15 -12.01 16.97 35.71
CA CYS A 15 -12.53 16.49 37.01
C CYS A 15 -11.47 15.81 37.89
N SER A 16 -11.13 14.54 37.59
CA SER A 16 -10.12 13.73 38.29
C SER A 16 -10.25 13.75 39.84
N SER A 17 -11.50 13.80 40.33
CA SER A 17 -11.86 13.87 41.76
C SER A 17 -11.63 12.56 42.53
N ASN A 18 -12.00 12.54 43.82
CA ASN A 18 -11.89 11.38 44.72
C ASN A 18 -13.28 11.06 45.32
N ILE A 19 -13.58 9.76 45.52
CA ILE A 19 -14.84 9.29 46.12
C ILE A 19 -14.70 9.29 47.64
N THR A 20 -15.58 10.03 48.32
CA THR A 20 -15.59 10.17 49.77
C THR A 20 -16.61 9.25 50.45
N GLY A 21 -17.79 9.10 49.84
CA GLY A 21 -18.86 8.26 50.37
C GLY A 21 -19.84 7.75 49.31
N LEU A 22 -20.97 7.17 49.77
CA LEU A 22 -22.03 6.62 48.91
C LEU A 22 -23.40 6.51 49.59
N ILE A 23 -24.46 6.80 48.83
CA ILE A 23 -25.85 6.77 49.27
C ILE A 23 -26.49 5.41 48.97
N LEU A 24 -26.94 4.70 50.01
CA LEU A 24 -27.57 3.38 49.90
C LEU A 24 -29.00 3.37 50.47
N THR A 25 -29.89 2.58 49.84
CA THR A 25 -31.30 2.40 50.23
C THR A 25 -31.80 1.00 49.80
N ARG A 26 -32.10 0.13 50.79
CA ARG A 26 -32.59 -1.24 50.54
C ARG A 26 -34.10 -1.27 50.30
N ASP A 27 -34.59 -2.29 49.56
CA ASP A 27 -36.01 -2.44 49.25
C ASP A 27 -36.60 -3.74 49.82
N GLY A 28 -37.91 -3.91 49.65
CA GLY A 28 -38.66 -5.07 50.14
C GLY A 28 -38.37 -6.35 49.37
N GLY A 29 -38.64 -7.47 50.02
CA GLY A 29 -38.41 -8.81 49.47
C GLY A 29 -37.18 -9.47 50.07
N ASN A 30 -37.21 -9.69 51.40
CA ASN A 30 -36.12 -10.25 52.20
C ASN A 30 -35.74 -11.71 51.86
N SER A 31 -36.77 -12.59 51.66
CA SER A 31 -36.63 -14.03 51.35
C SER A 31 -35.91 -14.83 52.46
N ASN A 32 -34.58 -14.67 52.59
CA ASN A 32 -33.75 -15.30 53.61
C ASN A 32 -32.58 -14.38 54.00
N ASN A 33 -31.98 -13.69 53.00
CA ASN A 33 -30.87 -12.76 53.21
C ASN A 33 -31.10 -11.41 52.52
N GLU A 34 -30.69 -10.32 53.20
CA GLU A 34 -30.85 -8.93 52.75
C GLU A 34 -29.99 -8.54 51.54
N SER A 35 -30.62 -7.78 50.61
CA SER A 35 -30.01 -7.24 49.39
C SER A 35 -30.14 -5.71 49.41
N GLU A 36 -29.05 -5.01 49.08
CA GLU A 36 -29.00 -3.55 49.04
C GLU A 36 -28.59 -2.95 47.70
N ILE A 37 -29.12 -1.75 47.39
CA ILE A 37 -28.90 -1.00 46.15
C ILE A 37 -28.68 0.50 46.45
N PHE A 38 -27.98 1.20 45.54
CA PHE A 38 -27.69 2.64 45.67
C PHE A 38 -28.88 3.50 45.24
N ARG A 39 -29.03 4.69 45.88
CA ARG A 39 -30.11 5.62 45.56
C ARG A 39 -29.67 7.08 45.71
N THR A 60 -26.92 13.00 45.03
CA THR A 60 -27.36 11.66 45.41
C THR A 60 -26.49 10.53 44.81
N GLN A 61 -26.76 9.26 45.23
CA GLN A 61 -26.07 8.02 44.83
C GLN A 61 -24.64 7.86 45.36
N LEU A 62 -23.78 8.89 45.15
CA LEU A 62 -22.39 8.94 45.61
C LEU A 62 -22.01 10.36 46.03
N LEU A 63 -21.08 10.47 47.00
CA LEU A 63 -20.55 11.74 47.52
C LEU A 63 -19.11 11.96 47.04
N LEU A 64 -18.78 13.23 46.74
CA LEU A 64 -17.46 13.61 46.26
C LEU A 64 -16.97 14.90 46.92
N ASN A 65 -15.66 14.95 47.25
CA ASN A 65 -14.98 16.09 47.90
C ASN A 65 -15.71 16.54 49.18
N GLY A 66 -15.75 15.63 50.17
CA GLY A 66 -16.41 15.85 51.45
C GLY A 66 -15.47 15.79 52.65
N SER A 67 -15.69 14.78 53.51
CA SER A 67 -14.87 14.56 54.71
C SER A 67 -14.74 13.06 54.99
N LEU A 68 -13.56 12.49 54.68
CA LEU A 68 -13.28 11.06 54.86
C LEU A 68 -13.05 10.68 56.33
N ALA A 69 -13.29 9.39 56.66
CA ALA A 69 -13.12 8.82 58.01
C ALA A 69 -11.64 8.67 58.40
N GLU A 70 -11.35 8.56 59.71
CA GLU A 70 -9.99 8.42 60.25
C GLU A 70 -9.37 7.05 59.89
N GLU A 71 -9.84 5.97 60.54
CA GLU A 71 -9.36 4.59 60.28
C GLU A 71 -10.56 3.67 60.01
N GLU A 72 -10.59 3.10 58.78
CA GLU A 72 -11.65 2.23 58.25
C GLU A 72 -13.02 2.92 58.04
N VAL A 73 -13.85 2.33 57.16
CA VAL A 73 -15.17 2.86 56.78
C VAL A 73 -16.15 2.97 57.96
N VAL A 74 -16.65 4.19 58.21
CA VAL A 74 -17.61 4.51 59.28
C VAL A 74 -19.03 4.55 58.70
N ILE A 75 -19.88 3.59 59.10
CA ILE A 75 -21.26 3.47 58.62
C ILE A 75 -22.32 3.65 59.72
N ARG A 76 -23.31 4.51 59.44
CA ARG A 76 -24.44 4.82 60.33
C ARG A 76 -25.71 4.97 59.48
N SER A 77 -26.89 4.97 60.13
CA SER A 77 -28.18 5.09 59.44
C SER A 77 -29.24 5.75 60.34
N VAL A 78 -30.26 6.38 59.71
CA VAL A 78 -31.38 7.05 60.40
C VAL A 78 -32.17 5.99 61.19
N ASN A 79 -32.59 4.90 60.49
CA ASN A 79 -33.29 3.77 61.08
C ASN A 79 -32.82 2.48 60.39
N PHE A 80 -31.98 1.71 61.09
CA PHE A 80 -31.38 0.45 60.63
C PHE A 80 -32.44 -0.63 60.37
N THR A 81 -33.50 -0.65 61.20
CA THR A 81 -34.62 -1.59 61.10
C THR A 81 -35.53 -1.26 59.91
N ASP A 82 -35.76 0.04 59.65
CA ASP A 82 -36.60 0.52 58.54
C ASP A 82 -35.86 0.42 57.21
N ASN A 83 -36.54 -0.13 56.21
CA ASN A 83 -36.01 -0.29 54.84
C ASN A 83 -36.10 1.02 54.05
N ALA A 84 -37.18 1.80 54.27
CA ALA A 84 -37.46 3.08 53.61
C ALA A 84 -36.45 4.21 53.87
N LYS A 85 -35.64 4.11 54.95
CA LYS A 85 -34.66 5.14 55.30
C LYS A 85 -33.26 4.95 54.71
N SER A 86 -32.63 6.08 54.37
CA SER A 86 -31.29 6.18 53.79
C SER A 86 -30.21 5.70 54.75
N ILE A 87 -29.17 5.06 54.21
CA ILE A 87 -28.04 4.53 54.98
C ILE A 87 -26.74 5.25 54.59
N CYS A 88 -26.06 5.86 55.58
CA CYS A 88 -24.83 6.61 55.38
C CYS A 88 -23.59 5.73 55.37
N VAL A 89 -22.70 5.97 54.38
CA VAL A 89 -21.42 5.28 54.21
C VAL A 89 -20.33 6.35 54.10
N GLN A 90 -19.45 6.43 55.11
CA GLN A 90 -18.34 7.38 55.10
C GLN A 90 -17.02 6.60 55.08
N LEU A 91 -16.43 6.51 53.88
CA LEU A 91 -15.18 5.78 53.61
C LEU A 91 -13.96 6.43 54.23
N ASN A 92 -12.89 5.64 54.44
CA ASN A 92 -11.63 6.11 55.00
C ASN A 92 -10.64 6.45 53.88
N THR A 93 -10.57 5.58 52.86
CA THR A 93 -9.69 5.70 51.71
C THR A 93 -10.37 6.36 50.51
N SER A 94 -9.73 7.40 49.96
CA SER A 94 -10.22 8.14 48.80
C SER A 94 -10.05 7.30 47.53
N VAL A 95 -11.18 7.04 46.83
CA VAL A 95 -11.21 6.24 45.59
C VAL A 95 -11.16 7.19 44.39
N GLU A 96 -10.05 7.15 43.64
CA GLU A 96 -9.82 8.03 42.48
C GLU A 96 -10.82 7.81 41.34
N ILE A 97 -11.44 8.91 40.86
CA ILE A 97 -12.43 8.93 39.77
C ILE A 97 -12.05 9.95 38.66
N ASN A 98 -11.43 9.44 37.57
CA ASN A 98 -10.97 10.23 36.42
C ASN A 98 -12.05 10.26 35.30
N CYS A 99 -12.66 11.44 35.05
CA CYS A 99 -13.75 11.64 34.07
C CYS A 99 -13.33 12.50 32.88
N THR A 100 -13.77 12.13 31.64
CA THR A 100 -13.49 12.86 30.39
C THR A 100 -14.59 12.71 29.31
N ARG A 101 -14.52 13.57 28.28
CA ARG A 101 -15.38 13.65 27.10
C ARG A 101 -14.51 14.13 25.92
N PRO A 102 -14.89 13.92 24.63
CA PRO A 102 -14.05 14.43 23.52
C PRO A 102 -13.74 15.93 23.64
N ASN A 103 -12.45 16.26 23.82
CA ASN A 103 -12.01 17.63 24.03
C ASN A 103 -11.77 18.57 22.84
N ASN A 104 -11.06 18.12 21.77
CA ASN A 104 -10.71 18.94 20.59
C ASN A 104 -11.84 19.83 20.00
N ASN A 105 -11.71 21.16 20.23
CA ASN A 105 -12.67 22.18 19.80
C ASN A 105 -12.08 23.19 18.79
N THR A 106 -10.76 23.12 18.54
CA THR A 106 -9.99 24.01 17.64
C THR A 106 -10.60 24.30 16.25
N ARG A 107 -11.35 23.34 15.69
CA ARG A 107 -12.00 23.53 14.39
C ARG A 107 -13.48 23.82 14.64
N PRO A 108 -13.99 24.99 14.20
CA PRO A 108 -15.42 25.28 14.39
C PRO A 108 -16.30 24.61 13.33
N GLY A 109 -17.49 24.14 13.68
CA GLY A 109 -18.05 24.12 15.02
C GLY A 109 -18.05 22.70 15.56
N GLU A 110 -18.00 21.71 14.61
CA GLU A 110 -17.99 20.27 14.90
C GLU A 110 -16.66 19.86 15.49
N ILE A 111 -16.68 18.86 16.39
CA ILE A 111 -15.48 18.30 17.03
C ILE A 111 -14.70 17.45 16.02
N ILE A 112 -13.37 17.32 16.25
CA ILE A 112 -12.48 16.53 15.39
C ILE A 112 -11.62 15.56 16.23
N GLY A 113 -11.26 14.41 15.66
CA GLY A 113 -10.48 13.38 16.34
C GLY A 113 -11.34 12.35 17.04
N ASP A 114 -10.80 11.74 18.12
CA ASP A 114 -11.49 10.71 18.92
C ASP A 114 -12.80 11.15 19.53
N ILE A 115 -13.85 10.39 19.21
CA ILE A 115 -15.22 10.61 19.65
C ILE A 115 -15.54 9.73 20.87
N ARG A 116 -14.84 8.56 21.01
CA ARG A 116 -14.98 7.54 22.08
C ARG A 116 -16.40 7.51 22.65
N GLN A 117 -16.62 8.25 23.76
CA GLN A 117 -17.86 8.45 24.51
C GLN A 117 -17.48 9.16 25.80
N ALA A 118 -18.47 9.61 26.57
CA ALA A 118 -18.26 10.21 27.88
C ALA A 118 -18.14 9.04 28.86
N HIS A 119 -17.07 9.03 29.66
CA HIS A 119 -16.78 7.94 30.58
C HIS A 119 -16.05 8.41 31.82
N CYS A 120 -16.17 7.62 32.88
CA CYS A 120 -15.46 7.84 34.14
C CYS A 120 -14.69 6.57 34.49
N ASN A 121 -13.40 6.72 34.84
CA ASN A 121 -12.48 5.62 35.12
C ASN A 121 -12.16 5.42 36.61
N ILE A 122 -12.14 4.15 37.05
CA ILE A 122 -11.82 3.65 38.40
C ILE A 122 -10.98 2.37 38.24
N SER A 123 -10.08 2.03 39.21
CA SER A 123 -9.28 0.79 39.15
C SER A 123 -10.03 -0.39 39.75
N ARG A 124 -10.14 -1.50 38.97
CA ARG A 124 -10.84 -2.76 39.29
C ARG A 124 -10.69 -3.20 40.75
N ALA A 125 -9.44 -3.40 41.20
CA ALA A 125 -9.13 -3.85 42.55
C ALA A 125 -9.34 -2.77 43.60
N LYS A 126 -9.03 -1.50 43.27
CA LYS A 126 -9.18 -0.35 44.18
C LYS A 126 -10.61 -0.21 44.74
N TRP A 127 -11.63 -0.33 43.88
CA TRP A 127 -13.04 -0.26 44.29
C TRP A 127 -13.42 -1.50 45.10
N ASN A 128 -13.04 -2.71 44.60
CA ASN A 128 -13.31 -4.02 45.23
C ASN A 128 -12.73 -4.12 46.65
N ASN A 129 -11.53 -3.53 46.86
CA ASN A 129 -10.86 -3.49 48.16
C ASN A 129 -11.59 -2.51 49.09
N THR A 130 -12.23 -1.46 48.52
CA THR A 130 -13.00 -0.47 49.29
C THR A 130 -14.38 -1.04 49.60
N LEU A 131 -14.92 -1.84 48.66
CA LEU A 131 -16.24 -2.48 48.78
C LEU A 131 -16.25 -3.55 49.86
N LYS A 132 -15.14 -4.30 50.01
CA LYS A 132 -15.00 -5.35 51.04
C LYS A 132 -14.95 -4.77 52.45
N GLN A 133 -14.47 -3.50 52.58
CA GLN A 133 -14.41 -2.77 53.85
C GLN A 133 -15.84 -2.45 54.32
N ILE A 134 -16.72 -2.10 53.36
CA ILE A 134 -18.15 -1.81 53.60
C ILE A 134 -18.84 -3.13 53.98
N ALA A 135 -18.53 -4.21 53.24
CA ALA A 135 -19.08 -5.56 53.41
C ALA A 135 -18.86 -6.12 54.82
N SER A 136 -17.61 -6.02 55.34
CA SER A 136 -17.25 -6.49 56.68
C SER A 136 -17.95 -5.68 57.77
N LYS A 137 -18.09 -4.36 57.54
CA LYS A 137 -18.77 -3.43 58.45
C LYS A 137 -20.29 -3.64 58.38
N LEU A 138 -20.80 -4.16 57.23
CA LEU A 138 -22.23 -4.45 57.03
C LEU A 138 -22.65 -5.73 57.75
N ARG A 139 -21.69 -6.64 58.02
CA ARG A 139 -21.91 -7.90 58.73
C ARG A 139 -22.23 -7.66 60.21
N GLU A 140 -21.38 -6.87 60.92
CA GLU A 140 -21.52 -6.55 62.34
C GLU A 140 -22.76 -5.73 62.74
N GLN A 141 -23.33 -4.95 61.79
CA GLN A 141 -24.54 -4.14 62.03
C GLN A 141 -25.82 -4.99 61.96
N PHE A 142 -25.70 -6.23 61.44
CA PHE A 142 -26.82 -7.18 61.30
C PHE A 142 -26.51 -8.55 61.95
N GLY A 143 -25.59 -8.56 62.92
CA GLY A 143 -25.17 -9.74 63.68
C GLY A 143 -24.54 -10.84 62.84
N ASN A 144 -23.48 -10.48 62.08
CA ASN A 144 -22.73 -11.36 61.18
C ASN A 144 -23.61 -12.09 60.14
N ASN A 145 -23.30 -13.38 59.83
CA ASN A 145 -24.00 -14.21 58.86
C ASN A 145 -24.17 -13.48 57.51
N LYS A 146 -23.07 -12.82 57.08
CA LYS A 146 -22.94 -12.00 55.90
C LYS A 146 -23.17 -12.74 54.58
N THR A 147 -24.01 -12.16 53.73
CA THR A 147 -24.38 -12.58 52.38
C THR A 147 -24.87 -11.28 51.69
N ILE A 148 -23.96 -10.30 51.61
CA ILE A 148 -24.19 -8.96 51.06
C ILE A 148 -24.37 -9.00 49.54
N ILE A 149 -25.53 -8.54 49.06
CA ILE A 149 -25.90 -8.52 47.64
C ILE A 149 -26.02 -7.08 47.12
N PHE A 150 -25.30 -6.77 46.02
CA PHE A 150 -25.35 -5.45 45.38
C PHE A 150 -26.08 -5.56 44.05
N LYS A 151 -27.27 -4.96 43.98
CA LYS A 151 -28.12 -4.95 42.79
C LYS A 151 -28.41 -3.52 42.32
N GLN A 152 -29.10 -3.37 41.16
CA GLN A 152 -29.45 -2.09 40.57
C GLN A 152 -30.55 -1.38 41.36
N SER A 153 -30.62 -0.04 41.22
CA SER A 153 -31.59 0.85 41.88
C SER A 153 -33.04 0.54 41.51
N SER A 154 -33.96 0.88 42.44
CA SER A 154 -35.40 0.70 42.28
C SER A 154 -35.98 1.65 41.23
N GLY A 155 -35.63 2.94 41.31
CA GLY A 155 -36.08 3.97 40.39
C GLY A 155 -36.58 5.23 41.06
N GLY A 156 -37.72 5.72 40.57
CA GLY A 156 -38.37 6.93 41.08
C GLY A 156 -38.16 8.12 40.16
N ASP A 157 -36.91 8.61 40.10
CA ASP A 157 -36.48 9.74 39.27
C ASP A 157 -35.30 9.32 38.35
N PRO A 158 -35.06 10.00 37.19
CA PRO A 158 -33.90 9.62 36.36
C PRO A 158 -32.56 9.94 37.02
N GLU A 159 -32.58 10.76 38.10
CA GLU A 159 -31.43 11.17 38.91
C GLU A 159 -31.04 10.09 39.94
N ILE A 160 -31.96 9.12 40.22
CA ILE A 160 -31.75 8.02 41.16
C ILE A 160 -31.09 6.82 40.45
N VAL A 161 -31.60 6.42 39.27
CA VAL A 161 -31.05 5.33 38.45
C VAL A 161 -29.67 5.68 37.83
N THR A 162 -29.49 6.97 37.44
CA THR A 162 -28.23 7.49 36.89
C THR A 162 -27.65 8.51 37.89
N HIS A 163 -26.45 8.22 38.43
CA HIS A 163 -25.73 9.02 39.44
C HIS A 163 -25.61 10.51 39.14
N SER A 164 -26.54 11.27 39.73
CA SER A 164 -26.61 12.73 39.60
C SER A 164 -25.81 13.37 40.72
N PHE A 165 -24.77 14.15 40.35
CA PHE A 165 -23.86 14.82 41.29
C PHE A 165 -23.22 16.06 40.69
N ASN A 166 -22.32 16.70 41.46
CA ASN A 166 -21.58 17.88 41.02
C ASN A 166 -20.09 17.57 40.96
N CYS A 167 -19.44 18.12 39.93
CA CYS A 167 -18.01 18.04 39.69
C CYS A 167 -17.68 19.15 38.71
N GLY A 168 -16.77 20.02 39.12
CA GLY A 168 -16.36 21.17 38.32
C GLY A 168 -17.45 22.21 38.17
N GLY A 169 -18.24 22.39 39.23
CA GLY A 169 -19.33 23.36 39.28
C GLY A 169 -20.67 22.90 38.73
N GLU A 170 -20.64 22.16 37.61
CA GLU A 170 -21.85 21.67 36.93
C GLU A 170 -22.35 20.34 37.48
N PHE A 171 -23.66 20.09 37.27
CA PHE A 171 -24.39 18.90 37.71
C PHE A 171 -24.70 17.99 36.51
N PHE A 172 -24.24 16.72 36.56
CA PHE A 172 -24.45 15.76 35.47
C PHE A 172 -24.66 14.31 35.93
N TYR A 173 -25.62 13.60 35.28
CA TYR A 173 -25.95 12.20 35.59
C TYR A 173 -25.56 11.16 34.54
N CYS A 174 -25.00 10.03 35.02
CA CYS A 174 -24.57 8.90 34.20
C CYS A 174 -24.58 7.54 34.94
N ASP A 175 -25.00 6.48 34.22
CA ASP A 175 -25.15 5.11 34.73
C ASP A 175 -23.88 4.45 35.27
N SER A 176 -24.06 3.68 36.33
CA SER A 176 -23.01 2.90 36.99
C SER A 176 -23.24 1.43 36.62
N THR A 177 -24.01 0.67 37.45
CA THR A 177 -24.35 -0.75 37.32
C THR A 177 -23.11 -1.65 37.43
N GLN A 178 -22.10 -1.43 36.55
CA GLN A 178 -20.80 -2.10 36.48
C GLN A 178 -20.09 -2.04 37.84
N LEU A 179 -20.38 -0.98 38.61
CA LEU A 179 -19.82 -0.69 39.92
C LEU A 179 -20.48 -1.50 41.05
N PHE A 180 -21.77 -1.88 40.89
CA PHE A 180 -22.51 -2.63 41.92
C PHE A 180 -23.13 -3.92 41.38
N ASN A 181 -22.28 -4.80 40.82
CA ASN A 181 -22.70 -6.08 40.27
C ASN A 181 -21.86 -7.22 40.89
N SER A 182 -21.83 -7.28 42.24
CA SER A 182 -21.08 -8.29 43.00
C SER A 182 -21.79 -8.70 44.28
N THR A 183 -21.58 -9.95 44.71
CA THR A 183 -22.16 -10.53 45.92
C THR A 183 -21.02 -10.98 46.84
N TRP A 184 -21.02 -10.48 48.08
CA TRP A 184 -19.96 -10.76 49.05
C TRP A 184 -20.42 -11.59 50.25
N PHE A 185 -19.70 -12.70 50.52
CA PHE A 185 -19.92 -13.66 51.61
C PHE A 185 -21.26 -14.37 51.54
N SER B 2 0.74 -11.18 1.96
CA SER B 2 -0.71 -11.02 2.01
C SER B 2 -1.16 -10.12 0.84
N ALA B 3 -2.17 -10.56 0.08
CA ALA B 3 -2.71 -9.77 -1.05
C ALA B 3 -4.18 -10.11 -1.33
N LEU B 4 -4.91 -9.17 -1.95
CA LEU B 4 -6.32 -9.42 -2.26
C LEU B 4 -6.44 -10.24 -3.54
N THR B 5 -7.37 -11.21 -3.56
CA THR B 5 -7.51 -12.06 -4.74
C THR B 5 -8.35 -11.44 -5.86
N GLN B 6 -7.61 -10.92 -6.85
CA GLN B 6 -8.09 -10.32 -8.10
C GLN B 6 -7.65 -11.19 -9.30
N PRO B 7 -8.59 -11.55 -10.22
CA PRO B 7 -8.19 -12.33 -11.42
C PRO B 7 -7.06 -11.65 -12.19
N PRO B 8 -6.15 -12.43 -12.81
CA PRO B 8 -4.98 -11.81 -13.48
C PRO B 8 -5.28 -10.90 -14.66
N SER B 9 -6.22 -11.32 -15.51
CA SER B 9 -6.57 -10.57 -16.71
C SER B 9 -8.05 -10.60 -16.87
N ALA B 10 -8.58 -9.79 -17.82
CA ALA B 10 -10.00 -9.73 -18.23
C ALA B 10 -10.18 -8.99 -19.54
N SER B 11 -11.18 -9.39 -20.35
CA SER B 11 -11.47 -8.72 -21.61
C SER B 11 -12.96 -8.53 -21.96
N GLY B 12 -13.23 -7.52 -22.77
CA GLY B 12 -14.52 -7.15 -23.33
C GLY B 12 -14.32 -6.34 -24.60
N SER B 13 -15.35 -6.20 -25.45
CA SER B 13 -15.34 -5.41 -26.69
C SER B 13 -15.98 -4.02 -26.45
N PRO B 14 -15.82 -3.00 -27.33
CA PRO B 14 -16.45 -1.70 -27.04
C PRO B 14 -17.98 -1.80 -27.01
N GLY B 15 -18.56 -1.22 -25.95
CA GLY B 15 -19.99 -1.22 -25.71
C GLY B 15 -20.40 -2.18 -24.60
N GLN B 16 -19.68 -3.31 -24.51
CA GLN B 16 -19.92 -4.36 -23.52
C GLN B 16 -19.56 -3.89 -22.10
N SER B 17 -20.02 -4.63 -21.09
CA SER B 17 -19.77 -4.34 -19.67
C SER B 17 -19.01 -5.47 -18.94
N ILE B 18 -17.92 -5.11 -18.29
CA ILE B 18 -17.06 -6.02 -17.57
C ILE B 18 -17.22 -5.83 -16.04
N THR B 19 -17.19 -6.95 -15.32
CA THR B 19 -17.33 -7.01 -13.88
C THR B 19 -16.17 -7.85 -13.40
N ILE B 20 -15.27 -7.19 -12.65
CA ILE B 20 -14.06 -7.79 -12.06
C ILE B 20 -14.13 -7.85 -10.53
N SER B 21 -13.79 -9.03 -9.96
CA SER B 21 -13.81 -9.37 -8.52
C SER B 21 -12.56 -9.04 -7.67
N CYS B 22 -12.73 -9.07 -6.32
CA CYS B 22 -11.71 -8.82 -5.29
C CYS B 22 -12.15 -9.45 -3.95
N THR B 23 -11.37 -10.47 -3.45
CA THR B 23 -11.66 -11.23 -2.21
C THR B 23 -10.57 -11.09 -1.15
N GLY B 24 -11.01 -10.94 0.11
CA GLY B 24 -10.16 -10.78 1.30
C GLY B 24 -10.51 -9.62 2.21
N THR B 25 -11.48 -8.79 1.76
CA THR B 25 -12.00 -7.55 2.40
C THR B 25 -13.20 -7.83 3.30
N SER B 26 -12.97 -7.91 4.62
CA SER B 26 -14.05 -8.18 5.58
C SER B 26 -14.82 -6.90 5.99
N ASN B 27 -14.17 -5.74 5.85
CA ASN B 27 -14.71 -4.42 6.18
C ASN B 27 -15.35 -3.75 4.94
N ASN B 28 -15.55 -2.41 5.00
CA ASN B 28 -16.16 -1.64 3.92
C ASN B 28 -15.20 -0.56 3.41
N PHE B 29 -13.94 -0.57 3.90
CA PHE B 29 -12.87 0.39 3.52
C PHE B 29 -12.26 -0.05 2.18
N VAL B 30 -13.13 -0.45 1.24
CA VAL B 30 -12.80 -0.97 -0.09
C VAL B 30 -12.71 0.09 -1.19
N SER B 31 -11.59 0.05 -1.93
CA SER B 31 -11.18 1.00 -2.96
C SER B 31 -10.72 0.34 -4.27
N TRP B 32 -11.00 1.00 -5.41
CA TRP B 32 -10.55 0.52 -6.73
C TRP B 32 -9.73 1.58 -7.46
N TYR B 33 -8.68 1.14 -8.16
CA TYR B 33 -7.72 2.03 -8.82
C TYR B 33 -7.60 1.72 -10.31
N GLN B 34 -7.28 2.75 -11.11
CA GLN B 34 -7.11 2.63 -12.56
C GLN B 34 -5.66 2.91 -12.94
N GLN B 35 -5.00 1.98 -13.64
CA GLN B 35 -3.61 2.23 -14.04
C GLN B 35 -3.31 2.14 -15.52
N HIS B 36 -3.04 3.30 -16.12
CA HIS B 36 -2.68 3.35 -17.51
C HIS B 36 -1.22 2.98 -17.67
N ALA B 37 -0.93 2.05 -18.59
CA ALA B 37 0.42 1.58 -18.89
C ALA B 37 1.25 2.79 -19.30
N GLY B 38 2.37 2.97 -18.61
CA GLY B 38 3.23 4.14 -18.81
C GLY B 38 2.60 5.35 -18.14
N LYS B 39 2.02 5.14 -16.92
CA LYS B 39 1.37 6.17 -16.10
C LYS B 39 1.24 5.71 -14.62
N ALA B 40 0.82 6.65 -13.76
CA ALA B 40 0.54 6.49 -12.33
C ALA B 40 -0.92 6.02 -12.07
N PRO B 41 -1.28 5.45 -10.89
CA PRO B 41 -2.68 5.01 -10.68
C PRO B 41 -3.62 6.14 -10.22
N LYS B 42 -4.89 6.11 -10.72
CA LYS B 42 -5.96 7.07 -10.40
C LYS B 42 -7.09 6.32 -9.68
N LEU B 43 -7.54 6.84 -8.51
CA LEU B 43 -8.65 6.23 -7.78
C LEU B 43 -9.97 6.40 -8.60
N VAL B 44 -10.75 5.31 -8.73
CA VAL B 44 -12.04 5.33 -9.45
C VAL B 44 -13.23 5.03 -8.54
N ILE B 45 -12.95 4.49 -7.31
CA ILE B 45 -13.91 4.16 -6.26
C ILE B 45 -13.28 3.99 -4.86
N TYR B 46 -14.05 4.36 -3.83
CA TYR B 46 -13.78 4.30 -2.38
C TYR B 46 -15.10 3.98 -1.65
N ASP B 47 -15.07 3.71 -0.31
CA ASP B 47 -16.22 3.32 0.54
C ASP B 47 -17.19 2.49 -0.30
N VAL B 48 -16.69 1.35 -0.80
CA VAL B 48 -17.42 0.39 -1.62
C VAL B 48 -17.97 1.02 -2.91
N ASN B 49 -19.07 1.78 -2.76
CA ASN B 49 -19.92 2.39 -3.77
C ASN B 49 -19.62 3.82 -4.24
N LYS B 50 -18.79 4.61 -3.53
CA LYS B 50 -18.60 6.03 -3.91
C LYS B 50 -17.46 6.44 -4.86
N ARG B 51 -17.84 7.12 -5.94
CA ARG B 51 -16.98 7.67 -6.99
C ARG B 51 -16.40 9.03 -6.58
N PRO B 52 -15.12 9.28 -6.93
CA PRO B 52 -14.55 10.62 -6.68
C PRO B 52 -14.98 11.64 -7.74
N SER B 53 -14.37 12.84 -7.73
CA SER B 53 -14.69 13.92 -8.68
C SER B 53 -14.34 13.64 -10.13
N GLY B 54 -15.30 13.96 -11.01
CA GLY B 54 -15.17 13.85 -12.45
C GLY B 54 -14.87 12.46 -12.95
N VAL B 55 -15.44 11.47 -12.27
CA VAL B 55 -15.27 10.05 -12.58
C VAL B 55 -16.65 9.57 -13.07
N PRO B 56 -16.80 9.05 -14.32
CA PRO B 56 -18.14 8.67 -14.79
C PRO B 56 -18.89 7.66 -13.93
N ASP B 57 -20.22 7.73 -14.03
CA ASP B 57 -21.24 6.92 -13.35
C ASP B 57 -21.20 5.48 -13.82
N ARG B 58 -20.54 5.21 -14.97
CA ARG B 58 -20.37 3.85 -15.51
C ARG B 58 -19.45 2.95 -14.65
N PHE B 59 -18.63 3.58 -13.80
CA PHE B 59 -17.76 2.88 -12.87
C PHE B 59 -18.58 2.71 -11.58
N SER B 60 -18.78 1.44 -11.13
CA SER B 60 -19.61 1.14 -9.96
C SER B 60 -19.02 0.15 -8.93
N GLY B 61 -19.35 0.41 -7.66
CA GLY B 61 -18.97 -0.38 -6.49
C GLY B 61 -20.03 -1.29 -5.89
N SER B 62 -19.61 -2.50 -5.55
CA SER B 62 -20.43 -3.55 -4.96
C SER B 62 -19.57 -4.33 -3.96
N LYS B 63 -20.21 -4.92 -2.92
CA LYS B 63 -19.55 -5.77 -1.92
C LYS B 63 -20.47 -6.77 -1.24
N SER B 64 -20.47 -8.04 -1.71
CA SER B 64 -21.31 -9.07 -1.11
C SER B 64 -20.43 -10.02 -0.33
N GLY B 65 -20.75 -10.18 0.95
CA GLY B 65 -19.98 -11.03 1.83
C GLY B 65 -18.55 -10.54 2.00
N ASN B 66 -17.59 -11.34 1.51
CA ASN B 66 -16.16 -11.01 1.59
C ASN B 66 -15.63 -10.50 0.24
N THR B 67 -16.50 -10.48 -0.77
CA THR B 67 -16.14 -10.10 -2.13
C THR B 67 -16.66 -8.77 -2.61
N ALA B 68 -15.69 -7.90 -2.99
CA ALA B 68 -15.92 -6.57 -3.60
C ALA B 68 -15.91 -6.73 -5.12
N SER B 69 -16.60 -5.82 -5.81
CA SER B 69 -16.72 -5.93 -7.26
C SER B 69 -16.84 -4.57 -7.92
N LEU B 70 -16.10 -4.39 -9.01
CA LEU B 70 -16.14 -3.19 -9.79
C LEU B 70 -16.83 -3.62 -11.07
N THR B 71 -17.58 -2.70 -11.69
CA THR B 71 -18.32 -2.94 -12.93
C THR B 71 -18.11 -1.76 -13.91
N VAL B 72 -17.42 -2.02 -15.04
CA VAL B 72 -17.21 -1.00 -16.08
C VAL B 72 -18.23 -1.30 -17.15
N SER B 73 -19.27 -0.47 -17.25
CA SER B 73 -20.32 -0.66 -18.24
C SER B 73 -20.15 0.30 -19.42
N GLY B 74 -20.19 -0.25 -20.63
CA GLY B 74 -20.03 0.51 -21.86
C GLY B 74 -18.58 0.83 -22.09
N LEU B 75 -17.77 -0.22 -22.28
CA LEU B 75 -16.33 -0.13 -22.48
C LEU B 75 -15.95 0.70 -23.69
N GLN B 76 -14.78 1.36 -23.60
CA GLN B 76 -14.19 2.19 -24.64
C GLN B 76 -12.67 2.18 -24.58
N THR B 77 -12.02 2.50 -25.71
CA THR B 77 -10.55 2.56 -25.87
C THR B 77 -9.79 2.98 -24.58
N ASP B 78 -10.19 4.09 -23.94
CA ASP B 78 -9.54 4.61 -22.73
C ASP B 78 -9.74 3.77 -21.48
N ASP B 79 -10.49 2.65 -21.57
CA ASP B 79 -10.73 1.79 -20.42
C ASP B 79 -9.67 0.73 -20.20
N GLU B 80 -8.93 0.40 -21.28
CA GLU B 80 -7.81 -0.56 -21.30
C GLU B 80 -6.74 -0.01 -20.35
N ALA B 81 -6.69 -0.63 -19.18
CA ALA B 81 -5.82 -0.29 -18.08
C ALA B 81 -5.74 -1.49 -17.11
N VAL B 82 -4.92 -1.36 -16.04
CA VAL B 82 -4.81 -2.36 -14.99
C VAL B 82 -5.60 -1.85 -13.81
N TYR B 83 -6.54 -2.68 -13.31
CA TYR B 83 -7.40 -2.30 -12.20
C TYR B 83 -7.03 -3.00 -10.91
N TYR B 84 -6.64 -2.23 -9.88
CA TYR B 84 -6.30 -2.78 -8.57
C TYR B 84 -7.42 -2.52 -7.59
N CYS B 85 -7.59 -3.39 -6.59
CA CYS B 85 -8.53 -3.19 -5.49
C CYS B 85 -7.66 -3.03 -4.20
N GLY B 86 -8.20 -2.35 -3.19
CA GLY B 86 -7.49 -2.14 -1.92
C GLY B 86 -8.44 -2.03 -0.74
N SER B 87 -7.97 -2.39 0.48
CA SER B 87 -8.77 -2.36 1.71
C SER B 87 -7.90 -2.23 2.98
N LEU B 88 -8.50 -1.62 4.02
CA LEU B 88 -7.87 -1.49 5.34
C LEU B 88 -7.83 -2.89 5.99
N VAL B 89 -6.86 -3.13 6.86
CA VAL B 89 -6.70 -4.41 7.54
C VAL B 89 -6.12 -4.33 8.94
N GLY B 90 -6.71 -5.14 9.81
CA GLY B 90 -6.31 -5.31 11.21
C GLY B 90 -6.51 -4.15 12.14
N ASN B 91 -5.62 -3.17 12.07
CA ASN B 91 -5.75 -1.99 12.90
C ASN B 91 -5.72 -0.75 12.05
N TRP B 92 -4.66 -0.62 11.24
CA TRP B 92 -4.43 0.55 10.41
C TRP B 92 -3.61 0.23 9.15
N ASP B 93 -3.25 -1.03 8.94
CA ASP B 93 -2.51 -1.45 7.76
C ASP B 93 -3.37 -1.39 6.48
N VAL B 94 -2.75 -1.30 5.29
CA VAL B 94 -3.51 -1.27 4.04
C VAL B 94 -2.98 -2.26 2.99
N ILE B 95 -3.91 -3.03 2.33
CA ILE B 95 -3.58 -4.03 1.30
C ILE B 95 -4.14 -3.66 -0.05
N PHE B 96 -3.53 -4.21 -1.08
CA PHE B 96 -3.88 -4.04 -2.48
C PHE B 96 -4.04 -5.44 -3.10
N GLY B 97 -4.87 -5.57 -4.13
CA GLY B 97 -4.99 -6.82 -4.84
C GLY B 97 -3.80 -7.02 -5.75
N GLY B 98 -3.86 -8.05 -6.59
CA GLY B 98 -2.81 -8.33 -7.57
C GLY B 98 -2.96 -7.47 -8.81
N GLY B 99 -4.19 -6.96 -8.97
CA GLY B 99 -4.60 -6.17 -10.11
C GLY B 99 -5.01 -7.07 -11.27
N THR B 100 -6.15 -6.72 -11.91
CA THR B 100 -6.72 -7.37 -13.08
C THR B 100 -6.28 -6.53 -14.27
N LYS B 101 -5.84 -7.18 -15.35
CA LYS B 101 -5.36 -6.52 -16.55
C LYS B 101 -6.52 -6.52 -17.55
N LEU B 102 -7.10 -5.32 -17.80
CA LEU B 102 -8.24 -5.16 -18.72
C LEU B 102 -7.84 -4.90 -20.18
N THR B 103 -8.51 -5.59 -21.14
CA THR B 103 -8.21 -5.45 -22.57
C THR B 103 -9.45 -5.14 -23.39
N VAL B 104 -9.42 -4.01 -24.10
CA VAL B 104 -10.50 -3.60 -24.99
C VAL B 104 -10.22 -4.15 -26.41
N LEU B 105 -11.01 -5.15 -26.80
CA LEU B 105 -10.92 -5.86 -28.07
C LEU B 105 -11.25 -4.98 -29.25
N GLY B 106 -10.99 -5.49 -30.44
CA GLY B 106 -11.19 -4.76 -31.68
C GLY B 106 -9.91 -4.10 -32.13
N GLN B 107 -8.88 -4.94 -32.29
CA GLN B 107 -7.54 -4.61 -32.74
C GLN B 107 -7.11 -5.84 -33.51
N PRO B 108 -7.09 -5.76 -34.86
CA PRO B 108 -6.74 -6.94 -35.69
C PRO B 108 -5.57 -7.80 -35.19
N LYS B 109 -5.76 -9.13 -35.22
CA LYS B 109 -4.73 -10.10 -34.80
C LYS B 109 -3.52 -9.91 -35.73
N ALA B 110 -2.34 -9.58 -35.16
CA ALA B 110 -1.14 -9.36 -35.96
C ALA B 110 -0.07 -10.44 -35.74
N ALA B 111 0.58 -10.87 -36.83
CA ALA B 111 1.61 -11.91 -36.82
C ALA B 111 3.02 -11.36 -36.59
N PRO B 112 3.88 -12.07 -35.83
CA PRO B 112 5.24 -11.58 -35.59
C PRO B 112 6.19 -11.77 -36.77
N SER B 113 7.39 -11.18 -36.68
CA SER B 113 8.45 -11.27 -37.67
C SER B 113 9.80 -11.33 -36.95
N VAL B 114 10.53 -12.45 -37.12
CA VAL B 114 11.83 -12.69 -36.46
C VAL B 114 13.03 -12.37 -37.38
N THR B 115 14.15 -11.91 -36.78
CA THR B 115 15.39 -11.54 -37.47
C THR B 115 16.61 -11.95 -36.61
N LEU B 116 16.87 -13.27 -36.52
CA LEU B 116 17.98 -13.84 -35.75
C LEU B 116 19.35 -13.43 -36.31
N PHE B 117 20.34 -13.23 -35.44
CA PHE B 117 21.69 -12.79 -35.82
C PHE B 117 22.83 -13.62 -35.18
N PRO B 118 23.67 -14.32 -35.98
CA PRO B 118 24.80 -15.06 -35.40
C PRO B 118 25.96 -14.11 -35.02
N PRO B 119 26.92 -14.52 -34.14
CA PRO B 119 28.00 -13.59 -33.74
C PRO B 119 28.90 -13.02 -34.85
N SER B 120 29.69 -11.99 -34.50
CA SER B 120 30.60 -11.30 -35.43
C SER B 120 32.05 -11.77 -35.29
N SER B 121 32.87 -11.46 -36.31
CA SER B 121 34.30 -11.78 -36.40
C SER B 121 35.11 -11.14 -35.27
N GLU B 122 34.78 -9.89 -34.91
CA GLU B 122 35.43 -9.12 -33.85
C GLU B 122 35.06 -9.67 -32.45
N GLU B 123 33.82 -10.17 -32.28
CA GLU B 123 33.29 -10.72 -31.02
C GLU B 123 34.01 -12.01 -30.61
N LEU B 124 34.25 -12.91 -31.58
CA LEU B 124 34.93 -14.19 -31.35
C LEU B 124 36.40 -14.01 -30.94
N GLN B 125 37.01 -12.87 -31.33
CA GLN B 125 38.39 -12.47 -31.00
C GLN B 125 38.60 -12.37 -29.48
N ALA B 126 37.55 -11.96 -28.75
CA ALA B 126 37.57 -11.81 -27.30
C ALA B 126 37.03 -13.07 -26.58
N ASN B 127 37.05 -14.24 -27.29
CA ASN B 127 36.62 -15.56 -26.81
C ASN B 127 35.15 -15.59 -26.32
N LYS B 128 34.24 -14.97 -27.10
CA LYS B 128 32.82 -14.89 -26.76
C LYS B 128 31.91 -15.22 -27.97
N ALA B 129 30.66 -15.67 -27.68
CA ALA B 129 29.64 -16.03 -28.68
C ALA B 129 28.23 -15.72 -28.15
N THR B 130 27.50 -14.81 -28.84
CA THR B 130 26.16 -14.40 -28.45
C THR B 130 25.22 -14.29 -29.67
N LEU B 131 24.07 -14.98 -29.60
CA LEU B 131 23.05 -14.99 -30.65
C LEU B 131 21.79 -14.26 -30.21
N VAL B 132 21.36 -13.27 -31.04
CA VAL B 132 20.22 -12.39 -30.77
C VAL B 132 19.03 -12.58 -31.74
N CYS B 133 17.87 -12.97 -31.18
CA CYS B 133 16.60 -13.15 -31.89
C CYS B 133 15.84 -11.83 -31.84
N LEU B 134 15.46 -11.27 -33.01
CA LEU B 134 14.78 -9.97 -33.07
C LEU B 134 13.31 -10.03 -33.52
N ILE B 135 12.40 -10.26 -32.56
CA ILE B 135 10.95 -10.38 -32.78
C ILE B 135 10.28 -9.02 -32.73
N SER B 136 9.36 -8.75 -33.68
CA SER B 136 8.63 -7.49 -33.77
C SER B 136 7.28 -7.60 -34.49
N ASP B 137 6.50 -6.52 -34.43
CA ASP B 137 5.21 -6.28 -35.09
C ASP B 137 4.10 -7.32 -34.84
N PHE B 138 3.80 -7.61 -33.56
CA PHE B 138 2.77 -8.59 -33.19
C PHE B 138 1.70 -8.10 -32.24
N TYR B 139 0.48 -8.65 -32.39
CA TYR B 139 -0.67 -8.35 -31.53
C TYR B 139 -1.48 -9.64 -31.23
N PRO B 140 -1.87 -9.91 -29.97
CA PRO B 140 -1.64 -9.13 -28.73
C PRO B 140 -0.19 -9.20 -28.23
N GLY B 141 0.13 -8.37 -27.25
CA GLY B 141 1.47 -8.28 -26.67
C GLY B 141 1.73 -9.35 -25.63
N ALA B 142 1.87 -10.61 -26.08
CA ALA B 142 2.15 -11.78 -25.25
C ALA B 142 2.78 -12.87 -26.09
N VAL B 143 4.12 -12.97 -26.03
CA VAL B 143 4.86 -13.95 -26.81
C VAL B 143 5.83 -14.81 -25.96
N THR B 144 6.01 -16.07 -26.38
CA THR B 144 6.91 -17.04 -25.75
C THR B 144 8.04 -17.41 -26.71
N VAL B 145 9.27 -17.44 -26.20
CA VAL B 145 10.48 -17.72 -27.00
C VAL B 145 11.19 -19.00 -26.51
N ALA B 146 11.64 -19.85 -27.45
CA ALA B 146 12.36 -21.08 -27.20
C ALA B 146 13.60 -21.18 -28.09
N TRP B 147 14.70 -21.74 -27.55
CA TRP B 147 15.96 -21.87 -28.27
C TRP B 147 16.38 -23.33 -28.46
N LYS B 148 17.00 -23.65 -29.61
CA LYS B 148 17.48 -24.99 -29.98
C LYS B 148 18.88 -24.98 -30.60
N ALA B 149 19.54 -26.17 -30.61
CA ALA B 149 20.87 -26.43 -31.21
C ALA B 149 20.72 -27.63 -32.15
N ASP B 150 20.56 -27.34 -33.47
CA ASP B 150 20.33 -28.29 -34.58
C ASP B 150 18.92 -28.88 -34.52
N SER B 151 18.63 -29.68 -33.47
CA SER B 151 17.35 -30.34 -33.23
C SER B 151 17.02 -30.37 -31.73
N SER B 152 18.06 -30.50 -30.88
CA SER B 152 17.95 -30.55 -29.42
C SER B 152 17.69 -29.17 -28.80
N PRO B 153 16.79 -29.04 -27.77
CA PRO B 153 16.53 -27.71 -27.18
C PRO B 153 17.60 -27.25 -26.19
N VAL B 154 17.78 -25.92 -26.08
CA VAL B 154 18.77 -25.30 -25.18
C VAL B 154 18.08 -24.65 -23.97
N LYS B 155 18.64 -24.91 -22.77
CA LYS B 155 18.15 -24.41 -21.48
C LYS B 155 19.09 -23.39 -20.79
N ALA B 156 20.37 -23.28 -21.24
CA ALA B 156 21.37 -22.38 -20.65
C ALA B 156 21.74 -21.17 -21.53
N GLY B 157 21.83 -20.00 -20.89
CA GLY B 157 22.19 -18.74 -21.54
C GLY B 157 21.01 -17.88 -21.96
N VAL B 158 19.78 -18.34 -21.68
CA VAL B 158 18.52 -17.67 -22.02
C VAL B 158 18.29 -16.42 -21.15
N GLU B 159 18.08 -15.26 -21.80
CA GLU B 159 17.81 -13.98 -21.14
C GLU B 159 16.67 -13.24 -21.85
N THR B 160 15.49 -13.89 -21.90
CA THR B 160 14.27 -13.37 -22.54
C THR B 160 13.80 -12.13 -21.79
N THR B 161 13.19 -11.17 -22.51
CA THR B 161 12.72 -9.91 -21.94
C THR B 161 11.29 -9.51 -22.30
N THR B 162 10.60 -8.82 -21.37
CA THR B 162 9.22 -8.32 -21.45
C THR B 162 8.95 -7.49 -22.73
N PRO B 163 7.81 -7.73 -23.42
CA PRO B 163 7.52 -6.97 -24.65
C PRO B 163 7.24 -5.49 -24.41
N SER B 164 7.31 -4.68 -25.49
CA SER B 164 7.10 -3.24 -25.46
C SER B 164 6.33 -2.74 -26.68
N LYS B 165 5.39 -1.79 -26.47
CA LYS B 165 4.58 -1.24 -27.57
C LYS B 165 5.41 -0.28 -28.42
N GLN B 166 5.24 -0.39 -29.75
CA GLN B 166 5.94 0.42 -30.75
C GLN B 166 5.04 1.55 -31.24
N SER B 167 5.61 2.42 -32.10
CA SER B 167 4.95 3.57 -32.73
C SER B 167 3.79 3.13 -33.64
N ASN B 168 3.84 1.89 -34.15
CA ASN B 168 2.81 1.32 -35.01
C ASN B 168 1.77 0.46 -34.25
N ASN B 169 1.56 0.77 -32.94
CA ASN B 169 0.61 0.11 -32.02
C ASN B 169 0.92 -1.36 -31.71
N LYS B 170 1.89 -1.96 -32.42
CA LYS B 170 2.31 -3.34 -32.25
C LYS B 170 3.30 -3.47 -31.08
N TYR B 171 3.59 -4.72 -30.65
CA TYR B 171 4.51 -5.02 -29.55
C TYR B 171 5.82 -5.67 -30.06
N ALA B 172 6.92 -5.55 -29.28
CA ALA B 172 8.23 -6.10 -29.66
C ALA B 172 9.06 -6.54 -28.46
N ALA B 173 9.82 -7.62 -28.63
CA ALA B 173 10.68 -8.19 -27.59
C ALA B 173 11.91 -8.88 -28.20
N SER B 174 12.95 -9.14 -27.37
CA SER B 174 14.18 -9.81 -27.81
C SER B 174 14.81 -10.71 -26.72
N SER B 175 15.14 -11.95 -27.11
CA SER B 175 15.77 -12.93 -26.22
C SER B 175 17.24 -13.02 -26.57
N TYR B 176 18.12 -12.94 -25.55
CA TYR B 176 19.56 -12.95 -25.74
C TYR B 176 20.21 -14.24 -25.21
N LEU B 177 20.83 -14.99 -26.13
CA LEU B 177 21.51 -16.25 -25.84
C LEU B 177 23.02 -16.08 -25.91
N SER B 178 23.69 -16.12 -24.74
CA SER B 178 25.14 -15.98 -24.65
C SER B 178 25.77 -17.33 -24.24
N LEU B 179 26.68 -17.84 -25.09
CA LEU B 179 27.38 -19.12 -24.87
C LEU B 179 28.90 -18.99 -25.10
N THR B 180 29.59 -20.15 -25.22
CA THR B 180 31.03 -20.24 -25.49
C THR B 180 31.26 -20.49 -27.00
N PRO B 181 32.39 -20.01 -27.61
CA PRO B 181 32.61 -20.27 -29.06
C PRO B 181 32.82 -21.75 -29.39
N GLU B 182 33.16 -22.56 -28.37
CA GLU B 182 33.39 -24.00 -28.45
C GLU B 182 32.09 -24.75 -28.83
N GLN B 183 30.99 -24.52 -28.08
CA GLN B 183 29.68 -25.14 -28.31
C GLN B 183 28.97 -24.60 -29.56
N TRP B 184 29.42 -23.44 -30.07
CA TRP B 184 28.87 -22.79 -31.26
C TRP B 184 29.42 -23.42 -32.55
N LYS B 185 30.73 -23.73 -32.59
CA LYS B 185 31.38 -24.30 -33.78
C LYS B 185 31.13 -25.80 -33.97
N SER B 186 31.01 -26.56 -32.86
CA SER B 186 30.75 -28.01 -32.88
C SER B 186 29.36 -28.29 -33.46
N HIS B 187 28.31 -27.73 -32.82
CA HIS B 187 26.92 -27.82 -33.27
C HIS B 187 26.79 -26.93 -34.50
N ARG B 188 26.50 -27.52 -35.67
CA ARG B 188 26.39 -26.79 -36.95
C ARG B 188 25.28 -25.72 -36.97
N SER B 189 24.00 -26.16 -36.98
CA SER B 189 22.83 -25.27 -37.02
C SER B 189 22.31 -24.86 -35.64
N TYR B 190 21.70 -23.66 -35.56
CA TYR B 190 21.14 -23.10 -34.33
C TYR B 190 19.76 -22.48 -34.61
N SER B 191 18.72 -23.09 -34.03
CA SER B 191 17.32 -22.68 -34.21
C SER B 191 16.77 -21.82 -33.06
N CYS B 192 15.89 -20.86 -33.40
CA CYS B 192 15.24 -19.93 -32.49
C CYS B 192 13.73 -19.92 -32.80
N GLN B 193 12.93 -20.47 -31.87
CA GLN B 193 11.48 -20.59 -32.00
C GLN B 193 10.74 -19.52 -31.19
N VAL B 194 9.73 -18.88 -31.79
CA VAL B 194 8.93 -17.85 -31.14
C VAL B 194 7.44 -18.20 -31.30
N THR B 195 6.77 -18.58 -30.19
CA THR B 195 5.37 -19.00 -30.14
C THR B 195 4.39 -17.85 -29.92
N HIS B 196 3.51 -17.59 -30.90
CA HIS B 196 2.50 -16.53 -30.84
C HIS B 196 1.07 -17.07 -31.02
N GLU B 197 0.30 -17.13 -29.90
CA GLU B 197 -1.09 -17.62 -29.81
C GLU B 197 -1.25 -19.01 -30.44
N GLY B 198 -0.50 -19.97 -29.91
CA GLY B 198 -0.49 -21.36 -30.38
C GLY B 198 0.50 -21.62 -31.50
N SER B 199 0.38 -20.87 -32.60
CA SER B 199 1.25 -20.97 -33.78
C SER B 199 2.64 -20.40 -33.51
N THR B 200 3.68 -21.10 -33.98
CA THR B 200 5.08 -20.68 -33.82
C THR B 200 5.72 -20.27 -35.15
N VAL B 201 6.77 -19.40 -35.08
CA VAL B 201 7.54 -18.91 -36.24
C VAL B 201 9.01 -19.24 -36.00
N GLU B 202 9.65 -19.93 -36.96
CA GLU B 202 11.04 -20.35 -36.79
C GLU B 202 12.07 -19.66 -37.68
N LYS B 203 13.32 -19.58 -37.18
CA LYS B 203 14.52 -19.03 -37.82
C LYS B 203 15.72 -19.89 -37.42
N THR B 204 16.77 -19.93 -38.28
CA THR B 204 17.97 -20.77 -38.06
C THR B 204 19.21 -20.16 -38.73
N VAL B 205 20.41 -20.36 -38.13
CA VAL B 205 21.71 -19.93 -38.65
C VAL B 205 22.83 -20.96 -38.39
N ALA B 206 23.69 -21.18 -39.40
CA ALA B 206 24.83 -22.10 -39.36
C ALA B 206 26.06 -21.52 -40.09
N PRO B 207 27.30 -21.61 -39.54
CA PRO B 207 28.46 -21.03 -40.24
C PRO B 207 28.95 -21.89 -41.40
N PRO C 2 -4.26 20.30 -6.49
CA PRO C 2 -3.40 19.58 -5.56
C PRO C 2 -2.45 18.68 -6.34
N GLN C 3 -1.12 18.83 -6.14
CA GLN C 3 -0.09 18.07 -6.85
C GLN C 3 1.01 17.63 -5.92
N LEU C 4 1.40 16.34 -6.00
CA LEU C 4 2.47 15.75 -5.20
C LEU C 4 3.69 15.55 -6.12
N GLN C 5 4.85 16.16 -5.74
CA GLN C 5 6.10 16.11 -6.50
C GLN C 5 7.25 15.34 -5.82
N GLU C 6 7.60 14.15 -6.38
CA GLU C 6 8.68 13.26 -5.93
C GLU C 6 10.06 13.77 -6.42
N SER C 7 11.11 13.57 -5.60
CA SER C 7 12.48 14.00 -5.92
C SER C 7 13.53 13.19 -5.17
N GLY C 8 14.67 12.97 -5.83
CA GLY C 8 15.77 12.25 -5.24
C GLY C 8 16.74 11.59 -6.20
N PRO C 9 17.57 10.64 -5.71
CA PRO C 9 18.50 9.96 -6.62
C PRO C 9 17.81 8.82 -7.37
N THR C 10 17.79 8.90 -8.71
CA THR C 10 17.16 7.90 -9.59
C THR C 10 17.96 6.60 -9.68
N LEU C 11 19.21 6.60 -9.14
CA LEU C 11 20.13 5.47 -9.18
C LEU C 11 20.92 5.25 -7.90
N VAL C 12 20.29 4.70 -6.85
CA VAL C 12 21.02 4.44 -5.60
C VAL C 12 21.85 3.16 -5.73
N GLU C 13 23.00 3.06 -5.01
CA GLU C 13 23.88 1.89 -5.01
C GLU C 13 23.46 0.89 -3.93
N ALA C 14 23.78 -0.41 -4.14
CA ALA C 14 23.43 -1.49 -3.21
C ALA C 14 23.92 -1.25 -1.77
N SER C 15 23.15 -1.76 -0.79
CA SER C 15 23.41 -1.66 0.67
C SER C 15 23.47 -0.25 1.27
N GLU C 16 23.21 0.79 0.44
CA GLU C 16 23.19 2.19 0.87
C GLU C 16 21.76 2.60 1.31
N THR C 17 21.57 3.85 1.80
CA THR C 17 20.27 4.35 2.26
C THR C 17 19.54 5.16 1.20
N LEU C 18 18.43 4.61 0.70
CA LEU C 18 17.59 5.27 -0.29
C LEU C 18 16.79 6.44 0.34
N SER C 19 16.88 7.63 -0.28
CA SER C 19 16.17 8.82 0.18
C SER C 19 15.37 9.50 -0.92
N LEU C 20 14.10 9.84 -0.61
CA LEU C 20 13.16 10.54 -1.49
C LEU C 20 12.35 11.57 -0.70
N THR C 21 11.97 12.68 -1.37
CA THR C 21 11.22 13.81 -0.79
C THR C 21 10.09 14.32 -1.67
N CYS C 22 8.90 14.42 -1.08
CA CYS C 22 7.69 14.88 -1.74
C CYS C 22 7.44 16.34 -1.48
N ALA C 23 6.98 17.07 -2.50
CA ALA C 23 6.70 18.50 -2.41
C ALA C 23 5.19 18.78 -2.59
N VAL C 24 4.41 18.74 -1.48
CA VAL C 24 2.97 18.96 -1.59
C VAL C 24 2.60 20.41 -2.02
N SER C 25 1.61 20.54 -2.94
CA SER C 25 1.12 21.81 -3.51
C SER C 25 -0.37 21.70 -3.80
N GLY C 26 -1.19 22.53 -3.14
CA GLY C 26 -2.63 22.50 -3.31
C GLY C 26 -3.37 21.96 -2.10
N ASP C 27 -2.64 21.56 -1.06
CA ASP C 27 -3.16 21.09 0.22
C ASP C 27 -2.12 21.38 1.32
N SER C 28 -2.57 21.44 2.58
CA SER C 28 -1.66 21.66 3.70
C SER C 28 -1.41 20.34 4.42
N THR C 29 -0.14 20.06 4.72
CA THR C 29 0.21 18.84 5.43
C THR C 29 -0.25 18.93 6.89
N ALA C 30 -0.47 20.17 7.38
CA ALA C 30 -0.95 20.47 8.72
C ALA C 30 -2.41 20.02 8.93
N ALA C 31 -3.25 20.04 7.86
CA ALA C 31 -4.66 19.66 7.85
C ALA C 31 -4.97 18.30 8.49
N CYS C 32 -6.01 18.25 9.35
CA CYS C 32 -6.48 17.08 10.11
C CYS C 32 -7.30 16.02 9.36
N ASN C 33 -7.73 16.30 8.12
CA ASN C 33 -8.56 15.38 7.36
C ASN C 33 -7.85 14.15 6.73
N SER C 34 -6.53 14.24 6.46
CA SER C 34 -5.80 13.11 5.86
C SER C 34 -4.35 12.82 6.39
N PHE C 35 -3.83 11.64 6.00
CA PHE C 35 -2.49 11.13 6.29
C PHE C 35 -1.68 11.24 5.03
N TRP C 36 -0.38 11.34 5.19
CA TRP C 36 0.51 11.48 4.05
C TRP C 36 1.57 10.39 4.10
N GLY C 37 1.89 9.81 2.95
CA GLY C 37 2.88 8.74 2.86
C GLY C 37 3.26 8.30 1.46
N TRP C 38 3.70 7.03 1.36
CA TRP C 38 4.18 6.43 0.12
C TRP C 38 3.63 5.03 -0.21
N VAL C 39 3.67 4.70 -1.52
CA VAL C 39 3.25 3.43 -2.11
C VAL C 39 4.26 3.09 -3.26
N ARG C 40 4.99 1.96 -3.15
CA ARG C 40 5.95 1.55 -4.17
C ARG C 40 5.42 0.46 -5.09
N GLN C 41 5.96 0.37 -6.32
CA GLN C 41 5.55 -0.62 -7.32
C GLN C 41 6.78 -1.18 -8.10
N PRO C 42 7.17 -2.47 -7.88
CA PRO C 42 8.35 -3.01 -8.58
C PRO C 42 8.16 -3.12 -10.09
N PRO C 43 9.24 -3.03 -10.92
CA PRO C 43 9.06 -3.11 -12.38
C PRO C 43 8.18 -4.25 -12.87
N GLY C 44 6.96 -3.89 -13.22
CA GLY C 44 5.94 -4.81 -13.68
C GLY C 44 5.42 -5.72 -12.57
N LYS C 45 5.14 -5.14 -11.39
CA LYS C 45 4.61 -5.86 -10.24
C LYS C 45 3.50 -5.01 -9.58
N GLY C 46 2.81 -5.57 -8.57
CA GLY C 46 1.67 -4.93 -7.90
C GLY C 46 1.99 -3.68 -7.09
N LEU C 47 0.93 -3.00 -6.62
CA LEU C 47 1.10 -1.79 -5.79
C LEU C 47 1.33 -2.23 -4.33
N GLU C 48 2.41 -1.73 -3.74
CA GLU C 48 2.76 -2.07 -2.38
C GLU C 48 2.67 -0.83 -1.50
N TRP C 49 1.96 -0.95 -0.37
CA TRP C 49 1.84 0.13 0.60
C TRP C 49 3.18 0.27 1.27
N VAL C 50 3.65 1.50 1.50
CA VAL C 50 4.92 1.67 2.21
C VAL C 50 4.67 2.10 3.66
N GLY C 51 3.89 3.16 3.83
CA GLY C 51 3.53 3.71 5.14
C GLY C 51 3.04 5.14 5.10
N SER C 52 2.45 5.63 6.23
CA SER C 52 1.91 6.99 6.33
C SER C 52 1.88 7.55 7.75
N LEU C 53 1.81 8.90 7.85
CA LEU C 53 1.77 9.68 9.10
C LEU C 53 0.88 10.94 9.02
N SER C 54 0.67 11.63 10.18
CA SER C 54 -0.05 12.92 10.35
C SER C 54 0.18 13.44 11.77
N HIS C 55 0.68 14.69 11.91
CA HIS C 55 0.98 15.33 13.20
C HIS C 55 -0.24 15.58 14.11
N CYS C 56 -1.45 15.65 13.51
CA CYS C 56 -2.73 15.81 14.19
C CYS C 56 -2.85 14.73 15.27
N ALA C 57 -2.69 15.14 16.54
CA ALA C 57 -2.66 14.25 17.71
C ALA C 57 -3.91 14.23 18.58
N SER C 58 -3.87 13.38 19.63
CA SER C 58 -4.91 13.25 20.65
C SER C 58 -4.29 13.63 22.02
N TYR C 59 -4.99 13.31 23.13
CA TYR C 59 -4.49 13.56 24.49
C TYR C 59 -3.30 12.63 24.86
N TRP C 60 -3.19 11.44 24.21
CA TRP C 60 -2.12 10.50 24.53
C TRP C 60 -0.92 10.43 23.58
N ASN C 61 -0.94 11.16 22.45
CA ASN C 61 0.20 11.16 21.53
C ASN C 61 0.52 12.55 20.96
N ARG C 62 1.59 12.62 20.15
CA ARG C 62 2.07 13.85 19.50
C ARG C 62 1.96 13.73 17.97
N GLY C 63 1.12 12.78 17.52
CA GLY C 63 0.83 12.45 16.13
C GLY C 63 0.60 10.96 15.94
N TRP C 64 0.66 10.46 14.68
CA TRP C 64 0.48 9.02 14.37
C TRP C 64 1.39 8.67 13.21
N THR C 65 2.12 7.52 13.33
CA THR C 65 2.93 6.91 12.27
C THR C 65 2.54 5.44 12.12
N TYR C 66 2.30 5.01 10.86
CA TYR C 66 1.91 3.64 10.49
C TYR C 66 2.85 3.10 9.39
N HIS C 67 3.40 1.88 9.61
CA HIS C 67 4.39 1.23 8.74
C HIS C 67 3.89 -0.10 8.21
N ASN C 68 4.45 -0.52 7.06
CA ASN C 68 4.24 -1.84 6.46
C ASN C 68 5.18 -2.77 7.30
N PRO C 69 4.63 -3.75 8.06
CA PRO C 69 5.49 -4.55 8.95
C PRO C 69 6.87 -5.01 8.45
N SER C 70 6.96 -5.47 7.18
CA SER C 70 8.23 -5.94 6.58
C SER C 70 9.22 -4.81 6.28
N LEU C 71 8.71 -3.66 5.83
CA LEU C 71 9.58 -2.52 5.53
C LEU C 71 9.93 -1.68 6.78
N LYS C 72 9.25 -1.94 7.92
CA LYS C 72 9.40 -1.22 9.21
C LYS C 72 10.84 -1.03 9.63
N SER C 73 11.55 -2.16 9.72
CA SER C 73 12.94 -2.30 10.10
C SER C 73 13.88 -1.35 9.34
N ARG C 74 13.60 -1.09 8.05
CA ARG C 74 14.47 -0.27 7.21
C ARG C 74 13.93 1.10 6.83
N LEU C 75 12.85 1.56 7.48
CA LEU C 75 12.30 2.84 7.08
C LEU C 75 12.02 3.85 8.17
N THR C 76 11.95 5.15 7.75
CA THR C 76 11.69 6.36 8.54
C THR C 76 10.73 7.22 7.71
N LEU C 77 9.58 7.61 8.30
CA LEU C 77 8.63 8.49 7.60
C LEU C 77 8.63 9.89 8.25
N ALA C 78 8.66 10.96 7.43
CA ALA C 78 8.74 12.31 8.00
C ALA C 78 7.84 13.37 7.36
N LEU C 79 7.43 14.37 8.16
CA LEU C 79 6.55 15.45 7.73
C LEU C 79 7.02 16.87 8.10
N ASP C 80 7.26 17.74 7.09
CA ASP C 80 7.65 19.13 7.33
C ASP C 80 6.44 20.03 7.14
N THR C 81 5.54 19.99 8.13
CA THR C 81 4.30 20.76 8.22
C THR C 81 4.40 22.16 7.56
N PRO C 82 5.36 23.07 7.93
CA PRO C 82 5.41 24.38 7.26
C PRO C 82 6.06 24.39 5.87
N LYS C 83 7.17 23.66 5.67
CA LYS C 83 7.85 23.59 4.37
C LYS C 83 7.04 22.75 3.34
N ASN C 84 5.92 22.12 3.82
CA ASN C 84 5.00 21.27 3.06
C ASN C 84 5.72 20.17 2.31
N LEU C 85 6.56 19.43 3.05
CA LEU C 85 7.36 18.32 2.54
C LEU C 85 7.13 17.02 3.31
N VAL C 86 7.14 15.88 2.57
CA VAL C 86 7.03 14.50 3.09
C VAL C 86 8.35 13.78 2.79
N PHE C 87 8.82 12.95 3.72
CA PHE C 87 10.09 12.29 3.53
C PHE C 87 10.08 10.78 3.72
N LEU C 88 10.97 10.09 3.00
CA LEU C 88 11.15 8.65 3.06
C LEU C 88 12.63 8.32 3.13
N LYS C 89 13.02 7.53 4.13
CA LYS C 89 14.37 7.05 4.27
C LYS C 89 14.29 5.53 4.33
N LEU C 90 14.94 4.84 3.38
CA LEU C 90 14.97 3.39 3.35
C LEU C 90 16.43 2.89 3.32
N ASN C 91 16.93 2.46 4.48
CA ASN C 91 18.31 1.99 4.65
C ASN C 91 18.55 0.57 4.20
N SER C 92 19.85 0.21 3.93
CA SER C 92 20.32 -1.09 3.46
C SER C 92 19.47 -1.70 2.34
N VAL C 93 19.53 -1.07 1.16
CA VAL C 93 18.75 -1.46 -0.03
C VAL C 93 19.35 -2.55 -0.91
N THR C 94 18.47 -3.40 -1.43
CA THR C 94 18.76 -4.52 -2.33
C THR C 94 18.07 -4.23 -3.66
N ALA C 95 18.45 -4.97 -4.72
CA ALA C 95 17.83 -4.87 -6.05
C ALA C 95 16.33 -5.23 -5.96
N ALA C 96 15.90 -5.81 -4.82
CA ALA C 96 14.52 -6.17 -4.48
C ALA C 96 13.73 -4.91 -4.19
N ASP C 97 14.45 -3.81 -3.80
CA ASP C 97 13.85 -2.50 -3.51
C ASP C 97 13.73 -1.56 -4.74
N THR C 98 14.13 -2.03 -5.93
CA THR C 98 14.01 -1.29 -7.19
C THR C 98 12.52 -1.24 -7.49
N ALA C 99 11.95 -0.01 -7.54
CA ALA C 99 10.52 0.26 -7.76
C ALA C 99 10.26 1.73 -8.15
N THR C 100 9.08 1.99 -8.69
CA THR C 100 8.63 3.35 -9.01
C THR C 100 7.92 3.82 -7.75
N TYR C 101 8.64 4.61 -6.93
CA TYR C 101 8.08 5.09 -5.68
C TYR C 101 7.09 6.25 -5.92
N TYR C 102 5.85 6.11 -5.40
CA TYR C 102 4.77 7.10 -5.54
C TYR C 102 4.52 7.81 -4.22
N CYS C 103 4.27 9.11 -4.29
CA CYS C 103 3.93 9.95 -3.14
C CYS C 103 2.40 9.90 -3.08
N ALA C 104 1.88 9.41 -1.95
CA ALA C 104 0.46 9.15 -1.73
C ALA C 104 -0.21 10.01 -0.71
N ARG C 105 -1.43 10.48 -1.00
CA ARG C 105 -2.24 11.23 -0.04
C ARG C 105 -3.35 10.29 0.44
N PHE C 106 -3.27 9.88 1.72
CA PHE C 106 -4.24 8.93 2.27
C PHE C 106 -5.48 9.54 2.86
N GLY C 107 -6.64 9.04 2.40
CA GLY C 107 -7.96 9.37 2.90
C GLY C 107 -8.53 8.12 3.54
N GLY C 108 -9.65 8.24 4.23
CA GLY C 108 -10.32 7.12 4.87
C GLY C 108 -11.17 7.56 6.03
N GLU C 109 -11.03 6.88 7.18
CA GLU C 109 -11.71 7.24 8.43
C GLU C 109 -10.63 7.92 9.29
N VAL C 110 -10.20 9.12 8.84
CA VAL C 110 -9.13 9.94 9.40
C VAL C 110 -9.64 11.02 10.37
N LEU C 111 -10.08 12.21 9.86
CA LEU C 111 -10.50 13.41 10.62
C LEU C 111 -11.09 13.18 12.01
N ARG C 112 -12.37 12.71 12.08
CA ARG C 112 -13.06 12.35 13.33
C ARG C 112 -13.13 10.79 13.36
N TYR C 113 -12.32 10.18 14.26
CA TYR C 113 -12.19 8.72 14.43
C TYR C 113 -12.53 8.27 15.84
N THR C 114 -12.69 6.96 16.04
CA THR C 114 -12.86 6.34 17.35
C THR C 114 -11.63 5.46 17.67
N ASP C 115 -11.03 5.67 18.87
CA ASP C 115 -9.82 4.98 19.33
C ASP C 115 -8.59 5.43 18.53
N TRP C 116 -8.55 5.20 17.21
CA TRP C 116 -7.41 5.66 16.40
C TRP C 116 -7.87 5.99 14.98
N PRO C 117 -7.12 6.78 14.16
CA PRO C 117 -7.56 7.04 12.78
C PRO C 117 -7.25 5.89 11.81
N LYS C 118 -8.25 5.54 10.99
CA LYS C 118 -8.22 4.48 10.00
C LYS C 118 -8.03 5.05 8.57
N PRO C 119 -6.81 5.40 8.07
CA PRO C 119 -6.71 5.87 6.68
C PRO C 119 -6.71 4.64 5.79
N ALA C 120 -7.56 4.59 4.72
CA ALA C 120 -7.72 3.41 3.89
C ALA C 120 -7.54 3.52 2.36
N TRP C 121 -7.49 4.75 1.80
CA TRP C 121 -7.34 4.90 0.35
C TRP C 121 -6.42 6.00 -0.11
N VAL C 122 -5.68 5.77 -1.22
CA VAL C 122 -4.80 6.80 -1.75
C VAL C 122 -5.67 7.70 -2.63
N ASP C 123 -6.22 8.80 -2.08
CA ASP C 123 -7.08 9.68 -2.88
C ASP C 123 -6.36 10.52 -3.95
N LEU C 124 -5.21 11.13 -3.58
CA LEU C 124 -4.41 11.92 -4.51
C LEU C 124 -3.01 11.30 -4.64
N TRP C 125 -2.60 11.04 -5.90
CA TRP C 125 -1.31 10.42 -6.27
C TRP C 125 -0.33 11.42 -6.91
N GLY C 126 0.93 10.98 -7.06
CA GLY C 126 2.03 11.70 -7.70
C GLY C 126 2.42 10.98 -8.97
N ARG C 127 3.23 11.60 -9.84
CA ARG C 127 3.71 10.98 -11.10
C ARG C 127 4.60 9.77 -10.90
N GLY C 128 5.35 9.77 -9.80
CA GLY C 128 6.24 8.67 -9.44
C GLY C 128 7.58 8.68 -10.16
N THR C 129 8.63 8.15 -9.47
CA THR C 129 9.99 8.09 -9.98
C THR C 129 10.65 6.73 -9.76
N LEU C 130 11.41 6.28 -10.77
CA LEU C 130 12.08 5.00 -10.70
C LEU C 130 13.46 5.06 -10.10
N VAL C 131 13.64 4.31 -9.00
CA VAL C 131 14.91 4.17 -8.30
C VAL C 131 15.47 2.83 -8.72
N THR C 132 16.74 2.79 -9.11
CA THR C 132 17.42 1.56 -9.55
C THR C 132 18.59 1.19 -8.60
N VAL C 133 18.42 0.12 -7.79
CA VAL C 133 19.43 -0.36 -6.84
C VAL C 133 20.43 -1.27 -7.55
N SER C 134 21.77 -1.01 -7.43
CA SER C 134 22.80 -1.83 -8.08
C SER C 134 24.13 -2.10 -7.32
N SER C 135 24.59 -3.36 -7.44
CA SER C 135 25.83 -3.92 -6.89
C SER C 135 26.80 -4.09 -8.07
N ALA C 136 26.90 -3.04 -8.92
CA ALA C 136 27.75 -3.02 -10.11
C ALA C 136 28.27 -1.62 -10.42
N SER C 137 29.50 -1.54 -10.98
CA SER C 137 30.14 -0.29 -11.36
C SER C 137 30.09 -0.05 -12.88
N THR C 138 30.29 1.22 -13.28
CA THR C 138 30.27 1.71 -14.67
C THR C 138 31.27 0.99 -15.59
N LYS C 139 30.79 0.54 -16.77
CA LYS C 139 31.58 -0.14 -17.81
C LYS C 139 31.11 0.31 -19.21
N GLY C 140 32.08 0.45 -20.12
CA GLY C 140 31.86 0.86 -21.50
C GLY C 140 31.22 -0.22 -22.36
N PRO C 141 30.37 0.17 -23.34
CA PRO C 141 29.73 -0.86 -24.19
C PRO C 141 30.61 -1.42 -25.29
N SER C 142 30.69 -2.76 -25.38
CA SER C 142 31.45 -3.48 -26.39
C SER C 142 30.67 -3.43 -27.72
N VAL C 143 31.18 -2.66 -28.71
CA VAL C 143 30.50 -2.46 -30.00
C VAL C 143 30.98 -3.48 -31.05
N PHE C 144 30.03 -4.27 -31.59
CA PHE C 144 30.29 -5.27 -32.64
C PHE C 144 29.24 -5.14 -33.76
N PRO C 145 29.65 -4.98 -35.03
CA PRO C 145 28.65 -4.85 -36.10
C PRO C 145 28.05 -6.20 -36.48
N LEU C 146 26.76 -6.20 -36.80
CA LEU C 146 26.04 -7.41 -37.18
C LEU C 146 25.81 -7.46 -38.70
N ALA C 147 26.63 -8.26 -39.40
CA ALA C 147 26.62 -8.41 -40.85
C ALA C 147 25.39 -9.17 -41.39
N PRO C 148 24.73 -8.66 -42.46
CA PRO C 148 23.54 -9.35 -43.00
C PRO C 148 23.88 -10.33 -44.15
N SER C 149 22.87 -10.76 -44.91
CA SER C 149 23.04 -11.67 -46.07
C SER C 149 23.68 -10.93 -47.26
N SER C 150 24.33 -11.69 -48.18
CA SER C 150 25.00 -11.17 -49.37
C SER C 150 24.16 -11.29 -50.64
N LYS C 151 23.58 -12.47 -50.91
CA LYS C 151 22.75 -12.76 -52.09
C LYS C 151 21.27 -12.87 -51.72
N SER C 154 15.97 -10.12 -46.54
CA SER C 154 15.16 -10.99 -47.38
C SER C 154 13.93 -10.28 -47.93
N GLY C 155 13.58 -10.59 -49.18
CA GLY C 155 12.42 -10.03 -49.88
C GLY C 155 12.68 -8.65 -50.47
N GLY C 156 13.71 -8.56 -51.31
CA GLY C 156 14.12 -7.32 -51.97
C GLY C 156 15.04 -6.47 -51.11
N THR C 157 14.61 -6.18 -49.88
CA THR C 157 15.36 -5.38 -48.90
C THR C 157 15.68 -6.20 -47.64
N ALA C 158 16.98 -6.28 -47.28
CA ALA C 158 17.48 -7.02 -46.12
C ALA C 158 17.77 -6.11 -44.91
N ALA C 159 17.90 -6.69 -43.70
CA ALA C 159 18.13 -5.95 -42.47
C ALA C 159 19.49 -6.20 -41.80
N LEU C 160 20.09 -5.11 -41.28
CA LEU C 160 21.38 -5.11 -40.57
C LEU C 160 21.31 -4.26 -39.30
N GLY C 161 22.11 -4.61 -38.30
CA GLY C 161 22.13 -3.90 -37.04
C GLY C 161 23.49 -3.78 -36.38
N CYS C 162 23.50 -3.15 -35.20
CA CYS C 162 24.70 -2.96 -34.39
C CYS C 162 24.47 -3.49 -32.98
N LEU C 163 25.41 -4.30 -32.48
CA LEU C 163 25.33 -4.89 -31.13
C LEU C 163 25.98 -4.01 -30.07
N VAL C 164 25.20 -3.70 -29.01
CA VAL C 164 25.64 -2.90 -27.87
C VAL C 164 25.71 -3.85 -26.67
N LYS C 165 26.84 -4.53 -26.53
CA LYS C 165 27.08 -5.50 -25.47
C LYS C 165 27.42 -4.83 -24.12
N ASP C 166 27.63 -5.69 -23.08
CA ASP C 166 27.97 -5.39 -21.68
C ASP C 166 28.34 -3.95 -21.35
N TYR C 167 27.43 -3.24 -20.65
CA TYR C 167 27.60 -1.85 -20.21
C TYR C 167 26.76 -1.56 -18.97
N PHE C 168 27.10 -0.47 -18.25
CA PHE C 168 26.41 0.02 -17.05
C PHE C 168 26.77 1.48 -16.79
N PRO C 169 25.82 2.36 -16.43
CA PRO C 169 24.37 2.16 -16.35
C PRO C 169 23.69 2.55 -17.67
N GLU C 170 22.34 2.69 -17.66
CA GLU C 170 21.55 3.07 -18.82
C GLU C 170 21.51 4.60 -19.00
N PRO C 171 21.23 5.16 -20.21
CA PRO C 171 20.88 4.53 -21.49
C PRO C 171 22.02 4.56 -22.53
N VAL C 172 21.65 4.45 -23.83
CA VAL C 172 22.53 4.49 -25.02
C VAL C 172 21.74 4.96 -26.24
N THR C 173 22.41 5.74 -27.11
CA THR C 173 21.79 6.27 -28.33
C THR C 173 22.58 5.91 -29.58
N VAL C 174 21.95 5.14 -30.49
CA VAL C 174 22.54 4.68 -31.76
C VAL C 174 21.74 5.21 -32.96
N SER C 175 22.39 6.06 -33.77
CA SER C 175 21.82 6.65 -34.98
C SER C 175 22.56 6.11 -36.20
N TRP C 176 21.84 5.89 -37.30
CA TRP C 176 22.46 5.35 -38.51
C TRP C 176 22.88 6.44 -39.50
N ASN C 177 24.21 6.52 -39.74
CA ASN C 177 24.91 7.48 -40.62
C ASN C 177 24.70 8.96 -40.19
N SER C 178 24.64 9.21 -38.86
CA SER C 178 24.45 10.51 -38.22
C SER C 178 23.22 11.29 -38.70
N GLY C 179 22.06 10.66 -38.55
CA GLY C 179 20.77 11.22 -38.94
C GLY C 179 20.53 11.32 -40.43
N ALA C 180 21.08 10.36 -41.21
CA ALA C 180 20.92 10.33 -42.67
C ALA C 180 19.63 9.63 -43.05
N LEU C 181 19.27 8.55 -42.33
CA LEU C 181 18.04 7.79 -42.57
C LEU C 181 17.11 7.83 -41.38
N THR C 182 15.81 8.03 -41.66
CA THR C 182 14.72 8.12 -40.68
C THR C 182 13.67 7.03 -40.96
N SER C 183 13.31 6.85 -42.26
CA SER C 183 12.34 5.85 -42.72
C SER C 183 13.02 4.49 -42.82
N GLY C 184 12.39 3.46 -42.24
CA GLY C 184 12.90 2.10 -42.22
C GLY C 184 14.01 1.92 -41.20
N VAL C 185 13.90 2.63 -40.07
CA VAL C 185 14.86 2.64 -38.95
C VAL C 185 14.17 2.10 -37.68
N HIS C 186 14.93 1.34 -36.85
CA HIS C 186 14.45 0.73 -35.61
C HIS C 186 15.59 0.53 -34.61
N THR C 187 15.28 0.53 -33.30
CA THR C 187 16.22 0.30 -32.19
C THR C 187 15.51 -0.46 -31.08
N PHE C 188 16.14 -1.55 -30.61
CA PHE C 188 15.57 -2.42 -29.58
C PHE C 188 15.97 -2.05 -28.13
N PRO C 189 15.10 -2.32 -27.12
CA PRO C 189 15.44 -1.94 -25.74
C PRO C 189 16.43 -2.88 -25.05
N ALA C 190 16.98 -2.43 -23.91
CA ALA C 190 17.98 -3.11 -23.07
C ALA C 190 17.53 -4.41 -22.45
N VAL C 191 18.51 -5.20 -21.96
CA VAL C 191 18.33 -6.48 -21.30
C VAL C 191 19.19 -6.47 -20.04
N LEU C 192 18.55 -6.69 -18.88
CA LEU C 192 19.27 -6.75 -17.60
C LEU C 192 19.94 -8.12 -17.53
N GLN C 193 21.28 -8.12 -17.54
CA GLN C 193 22.11 -9.32 -17.50
C GLN C 193 22.14 -9.94 -16.11
N SER C 194 22.39 -11.27 -16.04
CA SER C 194 22.49 -12.03 -14.80
C SER C 194 23.67 -11.50 -13.98
N SER C 195 24.64 -10.89 -14.71
CA SER C 195 25.87 -10.28 -14.21
C SER C 195 25.67 -8.80 -13.77
N GLY C 196 24.41 -8.40 -13.57
CA GLY C 196 24.04 -7.05 -13.16
C GLY C 196 24.29 -6.00 -14.22
N LEU C 197 24.76 -6.43 -15.40
CA LEU C 197 25.08 -5.59 -16.56
C LEU C 197 23.85 -5.35 -17.44
N TYR C 198 24.04 -4.56 -18.52
CA TYR C 198 23.00 -4.25 -19.49
C TYR C 198 23.45 -4.56 -20.91
N SER C 199 22.50 -4.76 -21.84
CA SER C 199 22.78 -5.10 -23.24
C SER C 199 21.59 -4.85 -24.16
N LEU C 200 21.84 -4.31 -25.36
CA LEU C 200 20.83 -4.06 -26.39
C LEU C 200 21.40 -4.09 -27.80
N SER C 201 20.57 -3.75 -28.79
CA SER C 201 20.91 -3.69 -30.21
C SER C 201 19.92 -2.78 -30.98
N SER C 202 20.19 -2.59 -32.28
CA SER C 202 19.38 -1.79 -33.20
C SER C 202 19.32 -2.51 -34.55
N VAL C 203 18.39 -2.10 -35.44
CA VAL C 203 18.21 -2.74 -36.75
C VAL C 203 17.68 -1.75 -37.83
N VAL C 204 18.29 -1.80 -39.04
CA VAL C 204 17.93 -0.94 -40.18
C VAL C 204 17.79 -1.76 -41.49
N THR C 205 16.73 -1.49 -42.28
CA THR C 205 16.46 -2.17 -43.54
C THR C 205 16.80 -1.28 -44.74
N VAL C 206 17.71 -1.77 -45.62
CA VAL C 206 18.22 -1.08 -46.82
C VAL C 206 18.31 -2.03 -48.07
N PRO C 207 18.20 -1.51 -49.33
CA PRO C 207 18.27 -2.40 -50.50
C PRO C 207 19.65 -2.99 -50.83
N SER C 208 19.65 -4.10 -51.60
CA SER C 208 20.83 -4.88 -52.02
C SER C 208 21.73 -4.18 -53.04
N SER C 209 21.14 -3.39 -53.97
CA SER C 209 21.86 -2.67 -55.03
C SER C 209 22.89 -1.64 -54.52
N SER C 210 22.64 -1.06 -53.34
CA SER C 210 23.50 -0.06 -52.70
C SER C 210 24.85 -0.60 -52.19
N LEU C 211 24.95 -1.93 -51.94
CA LEU C 211 26.14 -2.63 -51.46
C LEU C 211 27.31 -2.52 -52.45
N GLY C 212 28.50 -2.20 -51.92
CA GLY C 212 29.73 -2.07 -52.70
C GLY C 212 30.66 -0.98 -52.20
N THR C 213 30.66 0.17 -52.90
CA THR C 213 31.46 1.35 -52.56
C THR C 213 30.76 2.19 -51.47
N GLN C 214 29.45 1.91 -51.24
CA GLN C 214 28.60 2.58 -50.24
C GLN C 214 28.40 1.64 -49.02
N THR C 215 29.01 2.02 -47.87
CA THR C 215 28.96 1.27 -46.60
C THR C 215 28.07 1.94 -45.54
N TYR C 216 27.67 1.17 -44.50
CA TYR C 216 26.81 1.65 -43.42
C TYR C 216 27.53 1.66 -42.06
N ILE C 217 27.38 2.79 -41.33
CA ILE C 217 28.00 3.01 -40.02
C ILE C 217 26.96 3.49 -38.99
N CYS C 218 26.91 2.80 -37.82
CA CYS C 218 26.02 3.16 -36.70
C CYS C 218 26.76 4.11 -35.76
N ASN C 219 26.04 5.05 -35.14
CA ASN C 219 26.65 6.06 -34.25
C ASN C 219 26.28 5.91 -32.75
N VAL C 220 27.13 5.15 -32.01
CA VAL C 220 26.99 4.83 -30.58
C VAL C 220 27.35 6.03 -29.69
N ASN C 221 26.65 6.17 -28.54
CA ASN C 221 26.85 7.24 -27.56
C ASN C 221 26.50 6.78 -26.14
N HIS C 222 27.46 6.92 -25.21
CA HIS C 222 27.34 6.58 -23.80
C HIS C 222 28.02 7.69 -22.98
N LYS C 223 27.23 8.43 -22.18
CA LYS C 223 27.68 9.55 -21.36
C LYS C 223 28.48 9.14 -20.08
N PRO C 224 28.06 8.15 -19.24
CA PRO C 224 28.82 7.85 -18.01
C PRO C 224 30.26 7.35 -18.21
N SER C 225 30.45 6.23 -18.95
CA SER C 225 31.79 5.67 -19.21
C SER C 225 32.58 6.49 -20.26
N ASN C 226 31.91 7.49 -20.89
CA ASN C 226 32.44 8.38 -21.94
C ASN C 226 32.88 7.57 -23.17
N THR C 227 31.88 7.06 -23.91
CA THR C 227 32.09 6.23 -25.10
C THR C 227 31.28 6.77 -26.29
N LYS C 228 31.96 6.99 -27.44
CA LYS C 228 31.37 7.49 -28.69
C LYS C 228 32.05 6.84 -29.92
N VAL C 229 32.22 5.50 -29.90
CA VAL C 229 32.88 4.72 -30.95
C VAL C 229 31.88 4.15 -31.98
N ASP C 230 32.04 4.55 -33.26
CA ASP C 230 31.20 4.14 -34.38
C ASP C 230 31.88 3.01 -35.17
N LYS C 231 31.07 2.12 -35.78
CA LYS C 231 31.58 0.98 -36.54
C LYS C 231 30.90 0.78 -37.91
N ARG C 232 31.71 0.43 -38.92
CA ARG C 232 31.30 0.15 -40.29
C ARG C 232 30.83 -1.30 -40.38
N VAL C 233 29.75 -1.56 -41.15
CA VAL C 233 29.19 -2.91 -41.33
C VAL C 233 29.45 -3.44 -42.76
N GLU C 234 29.97 -4.69 -42.86
CA GLU C 234 30.29 -5.37 -44.13
C GLU C 234 29.93 -6.87 -44.10
N PRO C 235 29.14 -7.38 -45.08
CA PRO C 235 28.78 -8.81 -45.07
C PRO C 235 29.84 -9.72 -45.69
N LYS C 236 29.66 -11.06 -45.56
CA LYS C 236 30.57 -12.08 -46.11
C LYS C 236 29.80 -13.15 -46.87
#